data_4N7M
#
_entry.id   4N7M
#
_cell.length_a   115.700
_cell.length_b   115.700
_cell.length_c   79.691
_cell.angle_alpha   90.000
_cell.angle_beta   90.000
_cell.angle_gamma   90.000
#
_symmetry.space_group_name_H-M   'P 43 21 2'
#
loop_
_entity.id
_entity.type
_entity.pdbx_description
1 polymer Caspase-6
2 non-polymer 3-(pyrrolidin-1-yl)isoquinolin-1(2H)-one
3 non-polymer 'PHOSPHATE ION'
4 water water
#
_entity_poly.entity_id   1
_entity_poly.type   'polypeptide(L)'
_entity_poly.pdbx_seq_one_letter_code
;MGSAFYKREMFDPAEKYKMDHRRRGIALIFNHERFFWHLTLPERRGTCADRDNLTRRFSDLGFEVKCFNDLKAEELLLKI
HEVSTVSHADADCFVCVFLSHGEGNHIYAYDAKIEIQTLTGLFKGDKCHSLVGKPKIFIIQAARGNQHDVPVIPLDVVDN
QTEKLDTNITEVDAASVYTLPAGADFLMCYSVAEGYYSHRETVNGSWYIQDLCEMLGKYGSSLEFTELLTLVNRKVSQRR
VDFCKDPSAIGKKQVPCFASMLTKKLHFFPKSNGNSHHHHHH
;
_entity_poly.pdbx_strand_id   A,B
#
loop_
_chem_comp.id
_chem_comp.type
_chem_comp.name
_chem_comp.formula
2GQ non-polymer 3-(pyrrolidin-1-yl)isoquinolin-1(2H)-one 'C13 H14 N2 O'
PO4 non-polymer 'PHOSPHATE ION' 'O4 P -3'
#
# COMPACT_ATOMS: atom_id res chain seq x y z
N PHE A 5 -28.19 -9.90 -25.21
CA PHE A 5 -26.97 -9.98 -24.41
C PHE A 5 -26.91 -9.00 -23.24
N TYR A 6 -26.39 -9.49 -22.12
CA TYR A 6 -26.22 -8.70 -20.93
C TYR A 6 -25.14 -9.31 -20.07
N LYS A 7 -24.69 -8.60 -19.05
CA LYS A 7 -23.67 -9.14 -18.18
C LYS A 7 -24.29 -9.82 -17.00
N ARG A 8 -24.08 -11.11 -16.97
CA ARG A 8 -24.50 -11.93 -15.90
C ARG A 8 -23.57 -11.66 -14.77
N GLU A 9 -23.99 -12.01 -13.57
CA GLU A 9 -23.27 -11.67 -12.37
C GLU A 9 -22.19 -12.70 -12.17
N MET A 10 -21.20 -12.58 -13.02
CA MET A 10 -20.12 -13.52 -13.08
C MET A 10 -18.91 -12.71 -12.75
N PHE A 11 -17.97 -13.29 -12.03
CA PHE A 11 -16.74 -12.60 -11.75
C PHE A 11 -16.09 -12.04 -13.01
N ASP A 12 -15.94 -10.73 -13.06
CA ASP A 12 -15.30 -10.05 -14.15
C ASP A 12 -13.90 -9.60 -13.80
N PRO A 13 -12.90 -10.20 -14.44
CA PRO A 13 -11.49 -9.88 -14.17
C PRO A 13 -11.17 -8.42 -14.49
N ALA A 14 -12.07 -7.72 -15.19
CA ALA A 14 -11.75 -6.37 -15.63
C ALA A 14 -12.76 -5.35 -15.11
N GLU A 15 -13.43 -5.68 -14.02
CA GLU A 15 -14.49 -4.81 -13.52
C GLU A 15 -13.93 -3.43 -13.15
N LYS A 16 -14.70 -2.40 -13.42
CA LYS A 16 -14.30 -1.02 -13.15
C LYS A 16 -15.27 -0.39 -12.20
N TYR A 17 -14.81 0.49 -11.31
CA TYR A 17 -15.75 1.27 -10.54
C TYR A 17 -16.67 2.07 -11.51
N LYS A 18 -17.94 2.17 -11.18
CA LYS A 18 -18.86 2.95 -11.98
C LYS A 18 -18.57 4.42 -11.78
N MET A 19 -18.26 5.10 -12.86
CA MET A 19 -17.80 6.47 -12.80
C MET A 19 -18.77 7.38 -13.56
N ASP A 20 -20.02 6.99 -13.55
CA ASP A 20 -21.03 7.69 -14.31
C ASP A 20 -22.07 8.46 -13.54
N HIS A 21 -21.71 8.88 -12.34
CA HIS A 21 -22.56 9.71 -11.52
C HIS A 21 -22.71 11.11 -12.05
N ARG A 22 -23.69 11.83 -11.56
CA ARG A 22 -23.85 13.21 -12.01
C ARG A 22 -22.57 14.05 -11.80
N ARG A 23 -21.90 13.83 -10.69
CA ARG A 23 -20.70 14.56 -10.33
C ARG A 23 -19.53 13.58 -10.12
N ARG A 24 -18.31 14.06 -10.36
CA ARG A 24 -17.13 13.29 -10.05
C ARG A 24 -16.99 13.12 -8.55
N GLY A 25 -17.24 14.20 -7.81
CA GLY A 25 -17.08 14.22 -6.35
C GLY A 25 -16.21 15.37 -5.81
N ILE A 26 -16.07 15.41 -4.49
CA ILE A 26 -15.31 16.48 -3.85
C ILE A 26 -13.84 16.07 -3.71
N ALA A 27 -12.93 17.04 -3.95
CA ALA A 27 -11.50 16.85 -3.61
C ALA A 27 -11.11 17.90 -2.57
N LEU A 28 -10.84 17.42 -1.35
CA LEU A 28 -10.47 18.26 -0.21
C LEU A 28 -8.99 18.44 -0.17
N ILE A 29 -8.51 19.66 0.00
CA ILE A 29 -7.08 19.82 0.14
C ILE A 29 -6.74 20.52 1.43
N PHE A 30 -6.02 19.86 2.34
CA PHE A 30 -5.60 20.53 3.57
C PHE A 30 -4.14 20.97 3.45
N ASN A 31 -3.95 22.29 3.36
CA ASN A 31 -2.64 22.85 3.08
C ASN A 31 -2.04 23.51 4.30
N HIS A 32 -0.90 23.02 4.75
CA HIS A 32 -0.28 23.55 5.96
C HIS A 32 1.14 24.04 5.69
N GLU A 33 1.36 25.34 5.85
CA GLU A 33 2.63 26.00 5.55
C GLU A 33 3.42 26.39 6.80
N ARG A 34 2.72 26.66 7.90
CA ARG A 34 3.28 27.21 9.14
C ARG A 34 2.66 26.53 10.35
N PHE A 35 3.34 26.49 11.49
CA PHE A 35 2.75 25.82 12.67
C PHE A 35 2.91 26.61 13.97
N PHE A 36 1.97 26.43 14.88
CA PHE A 36 2.06 27.08 16.20
C PHE A 36 3.45 26.85 16.79
N TRP A 37 4.03 27.91 17.32
CA TRP A 37 5.42 27.89 17.74
C TRP A 37 5.76 26.78 18.72
N HIS A 38 4.80 26.42 19.55
CA HIS A 38 5.01 25.41 20.56
C HIS A 38 5.23 24.01 19.94
N LEU A 39 4.81 23.79 18.70
CA LEU A 39 5.04 22.50 18.05
C LEU A 39 6.49 22.37 17.59
N THR A 40 7.20 23.50 17.58
CA THR A 40 8.57 23.63 17.07
C THR A 40 8.77 22.90 15.74
N LEU A 41 7.99 23.30 14.75
CA LEU A 41 8.06 22.74 13.40
C LEU A 41 8.47 23.82 12.39
N PRO A 42 9.32 23.48 11.41
CA PRO A 42 9.72 24.46 10.41
C PRO A 42 8.59 24.75 9.42
N GLU A 43 8.62 25.92 8.81
CA GLU A 43 7.70 26.26 7.72
C GLU A 43 7.89 25.33 6.51
N ARG A 44 6.87 25.27 5.67
CA ARG A 44 6.92 24.41 4.51
C ARG A 44 6.81 25.22 3.21
N ARG A 45 7.80 26.08 2.92
CA ARG A 45 7.83 26.84 1.65
C ARG A 45 7.75 25.90 0.46
N GLY A 46 6.94 26.25 -0.52
CA GLY A 46 6.69 25.38 -1.66
C GLY A 46 5.36 24.67 -1.62
N THR A 47 4.72 24.62 -0.46
CA THR A 47 3.47 23.87 -0.35
C THR A 47 2.29 24.53 -1.10
N CYS A 48 2.33 25.86 -1.21
CA CYS A 48 1.29 26.59 -1.91
C CYS A 48 1.34 26.28 -3.40
N ALA A 49 2.55 26.05 -3.94
CA ALA A 49 2.69 25.60 -5.32
C ALA A 49 2.02 24.24 -5.48
N ASP A 50 2.27 23.36 -4.51
CA ASP A 50 1.68 22.03 -4.51
C ASP A 50 0.16 22.13 -4.51
N ARG A 51 -0.39 22.95 -3.60
CA ARG A 51 -1.84 23.17 -3.50
C ARG A 51 -2.45 23.63 -4.83
N ASP A 52 -1.83 24.64 -5.46
CA ASP A 52 -2.33 25.17 -6.72
C ASP A 52 -2.26 24.15 -7.87
N ASN A 53 -1.14 23.43 -7.94
CA ASN A 53 -0.92 22.40 -8.93
C ASN A 53 -2.03 21.33 -8.81
N LEU A 54 -2.26 20.85 -7.60
CA LEU A 54 -3.30 19.85 -7.34
C LEU A 54 -4.72 20.31 -7.70
N THR A 55 -5.04 21.57 -7.32
CA THR A 55 -6.33 22.17 -7.61
C THR A 55 -6.58 22.16 -9.12
N ARG A 56 -5.60 22.57 -9.90
CA ARG A 56 -5.76 22.54 -11.36
C ARG A 56 -5.91 21.14 -11.94
N ARG A 57 -5.08 20.19 -11.49
CA ARG A 57 -5.15 18.84 -12.01
C ARG A 57 -6.46 18.15 -11.65
N PHE A 58 -6.84 18.23 -10.37
CA PHE A 58 -8.08 17.57 -9.96
C PHE A 58 -9.33 18.26 -10.52
N SER A 59 -9.28 19.57 -10.65
CA SER A 59 -10.39 20.29 -11.27
C SER A 59 -10.55 19.86 -12.74
N ASP A 60 -9.46 19.70 -13.48
CA ASP A 60 -9.59 19.24 -14.87
C ASP A 60 -10.13 17.82 -14.95
N LEU A 61 -10.00 17.03 -13.88
CA LEU A 61 -10.60 15.69 -13.86
C LEU A 61 -12.10 15.73 -13.46
N GLY A 62 -12.64 16.90 -13.17
CA GLY A 62 -14.07 17.03 -12.90
C GLY A 62 -14.40 17.18 -11.42
N PHE A 63 -13.38 17.11 -10.56
CA PHE A 63 -13.59 17.21 -9.11
C PHE A 63 -13.98 18.63 -8.73
N GLU A 64 -14.84 18.74 -7.72
CA GLU A 64 -15.10 20.00 -7.05
C GLU A 64 -14.03 20.16 -5.96
N VAL A 65 -13.07 21.06 -6.16
CA VAL A 65 -11.98 21.21 -5.20
C VAL A 65 -12.24 22.27 -4.10
N LYS A 66 -12.01 21.89 -2.84
CA LYS A 66 -12.10 22.81 -1.71
C LYS A 66 -10.78 22.77 -0.94
N CYS A 67 -10.12 23.93 -0.86
CA CYS A 67 -8.85 24.06 -0.14
C CYS A 67 -9.04 24.75 1.21
N PHE A 68 -8.25 24.31 2.20
CA PHE A 68 -8.23 24.94 3.50
C PHE A 68 -6.78 25.13 3.93
N ASN A 69 -6.42 26.36 4.26
CA ASN A 69 -5.05 26.70 4.64
C ASN A 69 -4.88 26.85 6.15
N ASP A 70 -3.92 26.11 6.71
CA ASP A 70 -3.48 26.26 8.09
C ASP A 70 -4.61 26.14 9.13
N LEU A 71 -5.52 25.20 8.93
CA LEU A 71 -6.55 25.02 9.92
C LEU A 71 -6.00 24.48 11.24
N LYS A 72 -6.59 24.93 12.35
CA LYS A 72 -6.38 24.31 13.64
C LYS A 72 -7.02 22.93 13.62
N ALA A 73 -6.65 22.09 14.58
CA ALA A 73 -7.10 20.68 14.58
C ALA A 73 -8.61 20.53 14.68
N GLU A 74 -9.20 21.32 15.57
CA GLU A 74 -10.64 21.30 15.78
C GLU A 74 -11.40 21.72 14.53
N GLU A 75 -10.89 22.75 13.85
CA GLU A 75 -11.50 23.28 12.63
C GLU A 75 -11.42 22.25 11.51
N LEU A 76 -10.27 21.63 11.40
CA LEU A 76 -10.02 20.60 10.41
C LEU A 76 -11.00 19.46 10.62
N LEU A 77 -11.02 18.93 11.84
CA LEU A 77 -11.93 17.86 12.19
C LEU A 77 -13.37 18.22 11.84
N LEU A 78 -13.77 19.44 12.24
CA LEU A 78 -15.12 19.93 11.96
C LEU A 78 -15.41 19.90 10.45
N LYS A 79 -14.46 20.35 9.68
CA LYS A 79 -14.65 20.47 8.25
C LYS A 79 -14.76 19.10 7.59
N ILE A 80 -13.90 18.19 8.01
CA ILE A 80 -13.93 16.87 7.41
C ILE A 80 -15.14 16.08 7.91
N HIS A 81 -15.56 16.33 9.15
CA HIS A 81 -16.76 15.70 9.63
C HIS A 81 -17.98 16.17 8.83
N GLU A 82 -18.03 17.47 8.56
CA GLU A 82 -19.07 18.07 7.74
C GLU A 82 -19.12 17.43 6.32
N VAL A 83 -17.97 17.23 5.69
CA VAL A 83 -17.96 16.59 4.37
C VAL A 83 -18.41 15.12 4.45
N SER A 84 -18.03 14.42 5.53
CA SER A 84 -18.35 13.00 5.66
C SER A 84 -19.82 12.75 5.91
N THR A 85 -20.55 13.76 6.35
CA THR A 85 -21.94 13.56 6.75
C THR A 85 -22.97 14.04 5.73
N VAL A 86 -22.54 14.68 4.67
CA VAL A 86 -23.46 15.03 3.59
C VAL A 86 -23.58 13.84 2.63
N SER A 87 -24.59 13.88 1.76
CA SER A 87 -24.79 12.78 0.83
C SER A 87 -23.82 12.87 -0.35
N HIS A 88 -23.12 11.78 -0.64
CA HIS A 88 -22.29 11.71 -1.82
C HIS A 88 -22.98 10.83 -2.85
N ALA A 89 -24.31 10.71 -2.72
CA ALA A 89 -25.10 9.84 -3.58
C ALA A 89 -24.87 10.13 -5.07
N ASP A 90 -24.72 11.41 -5.42
CA ASP A 90 -24.54 11.81 -6.81
C ASP A 90 -23.07 11.92 -7.28
N ALA A 91 -22.14 11.35 -6.52
CA ALA A 91 -20.71 11.42 -6.81
C ALA A 91 -20.06 10.08 -7.15
N ASP A 92 -19.01 10.13 -7.95
CA ASP A 92 -18.25 8.93 -8.30
C ASP A 92 -17.33 8.47 -7.16
N CYS A 93 -16.72 9.42 -6.48
CA CYS A 93 -15.66 9.10 -5.55
C CYS A 93 -15.34 10.29 -4.66
N PHE A 94 -14.32 10.13 -3.83
CA PHE A 94 -13.92 11.18 -2.91
C PHE A 94 -12.39 11.22 -2.78
N VAL A 95 -11.83 12.42 -2.81
CA VAL A 95 -10.40 12.62 -2.71
C VAL A 95 -10.09 13.52 -1.52
N CYS A 96 -9.07 13.18 -0.73
CA CYS A 96 -8.66 14.05 0.37
C CYS A 96 -7.14 14.15 0.40
N VAL A 97 -6.59 15.36 0.33
CA VAL A 97 -5.14 15.54 0.31
C VAL A 97 -4.63 16.27 1.57
N PHE A 98 -3.57 15.75 2.19
CA PHE A 98 -2.93 16.42 3.30
C PHE A 98 -1.53 16.86 2.90
N LEU A 99 -1.26 18.14 3.02
CA LEU A 99 0.06 18.69 2.76
C LEU A 99 0.54 19.32 4.08
N SER A 100 1.39 18.61 4.80
CA SER A 100 1.82 19.06 6.13
C SER A 100 3.09 18.31 6.57
N HIS A 101 3.45 18.43 7.86
CA HIS A 101 4.41 17.51 8.46
C HIS A 101 3.63 16.42 9.16
N GLY A 102 4.29 15.33 9.52
CA GLY A 102 3.63 14.26 10.25
C GLY A 102 4.62 13.42 11.05
N GLU A 103 4.07 12.51 11.85
CA GLU A 103 4.86 11.63 12.71
C GLU A 103 4.04 10.39 13.01
N GLY A 104 4.60 9.23 12.68
CA GLY A 104 3.99 7.93 12.97
C GLY A 104 2.60 7.84 12.35
N ASN A 105 1.59 7.66 13.19
CA ASN A 105 0.23 7.65 12.62
C ASN A 105 -0.43 9.03 12.55
N HIS A 106 0.33 10.09 12.83
CA HIS A 106 -0.24 11.45 12.98
C HIS A 106 0.12 12.41 11.85
N ILE A 107 -0.83 13.27 11.48
CA ILE A 107 -0.58 14.40 10.60
C ILE A 107 -0.76 15.68 11.42
N TYR A 108 0.08 16.70 11.22
CA TYR A 108 -0.05 17.96 11.98
C TYR A 108 -1.02 18.95 11.33
N ALA A 109 -1.98 19.40 12.12
CA ALA A 109 -2.73 20.60 11.80
C ALA A 109 -1.90 21.78 12.30
N TYR A 110 -2.49 22.98 12.34
CA TYR A 110 -1.71 24.15 12.76
C TYR A 110 -1.20 24.05 14.20
N ASP A 111 -2.05 23.55 15.09
CA ASP A 111 -1.78 23.63 16.53
C ASP A 111 -1.60 22.28 17.21
N ALA A 112 -1.91 21.19 16.51
CA ALA A 112 -1.84 19.88 17.14
C ALA A 112 -1.86 18.82 16.07
N LYS A 113 -1.55 17.60 16.48
CA LYS A 113 -1.63 16.52 15.53
C LYS A 113 -2.96 15.75 15.66
N ILE A 114 -3.31 15.07 14.58
CA ILE A 114 -4.56 14.36 14.42
C ILE A 114 -4.18 12.95 13.96
N GLU A 115 -4.86 11.96 14.48
CA GLU A 115 -4.62 10.58 14.03
C GLU A 115 -5.23 10.34 12.65
N ILE A 116 -4.45 9.77 11.74
CA ILE A 116 -4.96 9.44 10.40
C ILE A 116 -6.20 8.52 10.44
N GLN A 117 -6.18 7.51 11.32
CA GLN A 117 -7.30 6.58 11.42
C GLN A 117 -8.61 7.29 11.78
N THR A 118 -8.51 8.36 12.56
CA THR A 118 -9.64 9.21 12.92
C THR A 118 -10.25 9.89 11.68
N LEU A 119 -9.40 10.34 10.78
CA LEU A 119 -9.85 11.01 9.57
C LEU A 119 -10.47 10.00 8.60
N THR A 120 -9.77 8.90 8.35
CA THR A 120 -10.28 7.91 7.41
C THR A 120 -11.52 7.19 7.96
N GLY A 121 -11.56 7.02 9.27
CA GLY A 121 -12.69 6.35 9.91
C GLY A 121 -14.04 7.03 9.68
N LEU A 122 -14.01 8.33 9.38
CA LEU A 122 -15.23 9.10 9.14
C LEU A 122 -15.91 8.69 7.86
N PHE A 123 -15.17 8.03 6.97
CA PHE A 123 -15.69 7.67 5.65
C PHE A 123 -15.87 6.17 5.53
N LYS A 124 -15.71 5.44 6.64
CA LYS A 124 -15.97 4.00 6.61
C LYS A 124 -17.47 3.71 6.50
N GLY A 125 -17.80 2.65 5.80
CA GLY A 125 -19.00 1.89 6.07
C GLY A 125 -20.25 2.70 6.15
N ASP A 126 -21.01 2.50 7.19
CA ASP A 126 -22.23 3.25 7.27
C ASP A 126 -22.08 4.58 8.01
N LYS A 127 -20.86 4.92 8.41
CA LYS A 127 -20.61 6.31 8.78
C LYS A 127 -20.86 7.16 7.55
N CYS A 128 -20.50 6.68 6.38
CA CYS A 128 -20.74 7.45 5.17
C CYS A 128 -21.31 6.53 4.11
N HIS A 129 -22.58 6.17 4.28
CA HIS A 129 -23.22 5.18 3.45
C HIS A 129 -23.10 5.49 1.96
N SER A 130 -23.19 6.78 1.61
CA SER A 130 -23.24 7.15 0.19
C SER A 130 -21.89 7.06 -0.49
N LEU A 131 -20.83 6.73 0.25
CA LEU A 131 -19.53 6.48 -0.38
C LEU A 131 -19.14 4.97 -0.36
N VAL A 132 -20.00 4.14 0.24
CA VAL A 132 -19.73 2.69 0.26
C VAL A 132 -19.59 2.07 -1.13
N GLY A 133 -18.49 1.38 -1.40
CA GLY A 133 -18.31 0.80 -2.72
C GLY A 133 -17.74 1.80 -3.72
N LYS A 134 -17.43 3.02 -3.27
CA LYS A 134 -16.80 4.03 -4.12
C LYS A 134 -15.36 4.29 -3.66
N PRO A 135 -14.46 4.65 -4.61
CA PRO A 135 -13.06 4.93 -4.24
C PRO A 135 -12.98 6.13 -3.29
N LYS A 136 -12.23 5.94 -2.21
CA LYS A 136 -11.94 6.98 -1.23
C LYS A 136 -10.42 7.10 -1.19
N ILE A 137 -9.92 8.17 -1.76
CA ILE A 137 -8.51 8.28 -2.06
C ILE A 137 -7.87 9.35 -1.19
N PHE A 138 -6.94 8.93 -0.34
CA PHE A 138 -6.21 9.87 0.50
C PHE A 138 -4.79 10.01 -0.02
N ILE A 139 -4.40 11.25 -0.26
CA ILE A 139 -3.06 11.56 -0.74
C ILE A 139 -2.30 12.32 0.36
N ILE A 140 -1.18 11.76 0.81
CA ILE A 140 -0.49 12.29 1.97
C ILE A 140 0.97 12.65 1.71
N GLN A 141 1.25 13.95 1.71
CA GLN A 141 2.59 14.49 1.61
C GLN A 141 2.92 15.04 2.98
N ALA A 142 3.58 14.21 3.79
CA ALA A 142 3.85 14.58 5.17
C ALA A 142 5.01 13.74 5.68
N ALA A 143 6.01 14.42 6.20
CA ALA A 143 7.18 13.72 6.69
C ALA A 143 7.67 14.44 7.93
N ARG A 144 8.92 14.17 8.32
CA ARG A 144 9.41 14.75 9.56
C ARG A 144 10.00 16.13 9.37
N GLY A 145 9.39 17.11 10.02
CA GLY A 145 9.91 18.48 10.01
C GLY A 145 11.26 18.58 10.71
N ASN A 146 12.28 19.06 10.03
CA ASN A 146 13.60 19.15 10.64
C ASN A 146 13.55 20.21 11.73
N GLN A 147 13.90 19.84 12.94
CA GLN A 147 13.67 20.68 14.10
C GLN A 147 14.80 21.60 14.61
N HIS A 148 15.82 21.86 13.82
CA HIS A 148 16.82 22.82 14.30
C HIS A 148 16.34 24.26 14.13
N ASP A 149 15.24 24.53 14.85
CA ASP A 149 14.69 25.82 15.25
C ASP A 149 14.14 25.82 16.72
N VAL A 150 14.12 26.98 17.33
CA VAL A 150 13.94 27.11 18.76
C VAL A 150 12.54 26.98 19.26
N PRO A 151 12.37 26.61 20.52
CA PRO A 151 11.07 26.70 21.15
C PRO A 151 10.85 28.06 21.69
N VAL A 152 10.68 28.98 20.77
CA VAL A 152 10.28 30.34 21.08
C VAL A 152 9.33 30.83 19.98
N ILE A 153 8.46 31.76 20.34
CA ILE A 153 7.58 32.45 19.41
C ILE A 153 8.38 33.32 18.43
N PRO A 154 8.26 33.04 17.12
CA PRO A 154 9.00 33.78 16.09
C PRO A 154 8.28 35.07 15.71
N THR A 167 14.30 32.10 -3.90
CA THR A 167 15.34 31.18 -4.37
C THR A 167 14.95 29.72 -4.10
N ASN A 168 15.09 28.87 -5.11
CA ASN A 168 14.61 27.49 -5.06
C ASN A 168 15.58 26.58 -4.34
N ILE A 169 15.28 26.27 -3.07
CA ILE A 169 16.08 25.37 -2.23
C ILE A 169 15.36 24.02 -2.14
N THR A 170 16.09 22.90 -2.13
CA THR A 170 15.42 21.60 -1.91
C THR A 170 15.57 21.15 -0.45
N GLU A 171 14.46 21.11 0.26
CA GLU A 171 14.45 20.61 1.65
C GLU A 171 14.20 19.09 1.68
N VAL A 172 14.95 18.39 2.52
CA VAL A 172 14.92 16.95 2.58
C VAL A 172 14.49 16.50 3.98
N ASP A 173 13.34 15.83 4.05
CA ASP A 173 12.73 15.37 5.30
C ASP A 173 12.67 13.86 5.39
N ALA A 174 13.05 13.30 6.53
CA ALA A 174 13.00 11.85 6.72
C ALA A 174 11.55 11.39 6.75
N ALA A 175 11.27 10.24 6.12
CA ALA A 175 9.95 9.60 6.18
C ALA A 175 9.61 9.38 7.64
N SER A 176 8.39 9.71 8.03
CA SER A 176 7.99 9.56 9.43
C SER A 176 6.57 9.01 9.56
N VAL A 177 5.76 9.16 8.51
CA VAL A 177 4.37 8.74 8.61
C VAL A 177 4.21 7.29 8.19
N TYR A 178 3.56 6.49 9.04
CA TYR A 178 3.31 5.07 8.71
C TYR A 178 2.48 4.96 7.42
N THR A 179 2.84 4.03 6.54
CA THR A 179 2.05 3.83 5.29
C THR A 179 0.84 2.94 5.60
N LEU A 180 -0.13 3.49 6.30
CA LEU A 180 -1.28 2.74 6.80
C LEU A 180 -2.29 2.46 5.67
N PRO A 181 -2.95 1.32 5.76
CA PRO A 181 -4.10 0.96 4.95
C PRO A 181 -5.33 1.60 5.57
N ALA A 182 -6.52 1.49 5.00
CA ALA A 182 -7.69 2.16 5.59
C ALA A 182 -9.10 1.63 5.46
N GLY A 183 -9.35 0.46 4.94
CA GLY A 183 -10.71 -0.04 4.74
C GLY A 183 -11.06 -0.29 3.29
N ALA A 184 -12.08 -1.10 3.03
CA ALA A 184 -12.41 -1.49 1.65
C ALA A 184 -12.59 -0.25 0.76
N ASP A 185 -12.04 -0.28 -0.46
CA ASP A 185 -12.23 0.81 -1.44
C ASP A 185 -11.56 2.14 -1.02
N PHE A 186 -10.67 2.07 -0.03
CA PHE A 186 -9.76 3.17 0.26
C PHE A 186 -8.47 2.97 -0.54
N LEU A 187 -7.87 4.07 -0.99
CA LEU A 187 -6.55 3.99 -1.57
C LEU A 187 -5.69 5.04 -0.85
N MET A 188 -4.65 4.60 -0.14
CA MET A 188 -3.83 5.54 0.62
C MET A 188 -2.50 5.77 -0.10
N CYS A 189 -2.24 7.02 -0.49
CA CYS A 189 -1.08 7.39 -1.32
C CYS A 189 -0.06 8.22 -0.50
N TYR A 190 1.16 7.71 -0.40
CA TYR A 190 2.18 8.35 0.46
C TYR A 190 3.34 8.85 -0.38
N SER A 191 3.81 10.06 -0.05
CA SER A 191 4.90 10.69 -0.77
C SER A 191 6.19 9.89 -0.60
N VAL A 192 6.30 9.14 0.50
CA VAL A 192 7.56 8.50 0.83
C VAL A 192 7.37 7.33 1.79
N ALA A 193 8.19 6.29 1.66
CA ALA A 193 8.15 5.12 2.55
C ALA A 193 9.28 5.14 3.59
N GLU A 194 9.07 4.41 4.69
CA GLU A 194 10.02 4.28 5.78
C GLU A 194 11.41 4.04 5.22
N GLY A 195 12.41 4.74 5.76
CA GLY A 195 13.78 4.51 5.33
C GLY A 195 14.23 5.45 4.20
N TYR A 196 13.28 6.15 3.58
CA TYR A 196 13.59 7.08 2.50
C TYR A 196 13.32 8.54 2.93
N TYR A 197 13.46 9.47 2.00
CA TYR A 197 13.37 10.91 2.30
C TYR A 197 12.47 11.65 1.30
N SER A 198 11.60 12.52 1.84
CA SER A 198 10.73 13.36 1.04
C SER A 198 11.47 14.65 0.70
N HIS A 199 11.25 15.14 -0.52
CA HIS A 199 11.93 16.36 -0.97
C HIS A 199 10.90 17.40 -1.35
N ARG A 200 11.14 18.60 -0.91
CA ARG A 200 10.39 19.75 -1.33
C ARG A 200 11.25 20.94 -1.80
N GLU A 201 10.98 21.41 -3.00
CA GLU A 201 11.65 22.61 -3.49
C GLU A 201 10.85 23.83 -3.05
N THR A 202 11.54 24.84 -2.50
CA THR A 202 10.87 26.00 -1.89
C THR A 202 10.03 26.85 -2.84
N VAL A 203 10.37 26.83 -4.13
CA VAL A 203 9.56 27.49 -5.17
C VAL A 203 8.69 26.47 -5.96
N ASN A 204 9.29 25.40 -6.47
CA ASN A 204 8.59 24.48 -7.37
C ASN A 204 7.65 23.50 -6.69
N GLY A 205 7.82 23.29 -5.38
CA GLY A 205 6.95 22.38 -4.64
C GLY A 205 7.59 21.01 -4.44
N SER A 206 6.81 20.10 -3.90
CA SER A 206 7.29 18.76 -3.55
C SER A 206 7.57 17.87 -4.77
N TRP A 207 8.61 17.05 -4.67
CA TRP A 207 8.92 16.10 -5.74
C TRP A 207 7.69 15.26 -6.07
N TYR A 208 7.08 14.73 -5.02
CA TYR A 208 5.95 13.82 -5.14
C TYR A 208 4.72 14.47 -5.81
N ILE A 209 4.34 15.65 -5.32
CA ILE A 209 3.19 16.36 -5.86
C ILE A 209 3.46 16.83 -7.29
N GLN A 210 4.68 17.30 -7.58
CA GLN A 210 5.02 17.75 -8.92
C GLN A 210 4.83 16.58 -9.89
N ASP A 211 5.43 15.45 -9.54
CA ASP A 211 5.36 14.29 -10.40
C ASP A 211 3.94 13.75 -10.45
N LEU A 212 3.24 13.75 -9.31
CA LEU A 212 1.83 13.36 -9.35
C LEU A 212 1.04 14.26 -10.32
N CYS A 213 1.22 15.56 -10.21
CA CYS A 213 0.47 16.51 -11.05
C CYS A 213 0.79 16.40 -12.53
N GLU A 214 2.07 16.16 -12.81
CA GLU A 214 2.49 16.00 -14.21
C GLU A 214 1.82 14.77 -14.86
N MET A 215 1.85 13.64 -14.16
CA MET A 215 1.18 12.43 -14.64
C MET A 215 -0.33 12.60 -14.76
N LEU A 216 -0.95 13.26 -13.78
CA LEU A 216 -2.39 13.54 -13.87
C LEU A 216 -2.74 14.31 -15.16
N GLY A 217 -1.96 15.36 -15.44
CA GLY A 217 -2.20 16.17 -16.60
C GLY A 217 -2.01 15.40 -17.89
N LYS A 218 -0.99 14.56 -17.94
CA LYS A 218 -0.68 13.86 -19.18
C LYS A 218 -1.48 12.58 -19.38
N TYR A 219 -1.74 11.86 -18.29
CA TYR A 219 -2.31 10.52 -18.39
C TYR A 219 -3.53 10.29 -17.53
N GLY A 220 -3.90 11.28 -16.72
CA GLY A 220 -4.99 11.14 -15.74
C GLY A 220 -6.32 10.70 -16.31
N SER A 221 -6.59 11.12 -17.53
CA SER A 221 -7.91 10.98 -18.15
C SER A 221 -8.05 9.69 -18.88
N SER A 222 -7.01 8.86 -18.87
CA SER A 222 -7.10 7.60 -19.57
C SER A 222 -6.49 6.44 -18.75
N LEU A 223 -5.41 6.70 -18.03
CA LEU A 223 -4.69 5.63 -17.34
C LEU A 223 -5.42 5.15 -16.06
N GLU A 224 -5.43 3.83 -15.84
CA GLU A 224 -5.93 3.31 -14.58
C GLU A 224 -5.11 3.97 -13.46
N PHE A 225 -5.79 4.49 -12.44
CA PHE A 225 -5.17 5.39 -11.46
C PHE A 225 -4.00 4.76 -10.65
N THR A 226 -4.10 3.46 -10.29
CA THR A 226 -2.95 2.85 -9.61
C THR A 226 -1.78 2.65 -10.58
N GLU A 227 -2.09 2.47 -11.86
CA GLU A 227 -1.01 2.43 -12.86
C GLU A 227 -0.32 3.81 -12.99
N LEU A 228 -1.12 4.88 -12.89
CA LEU A 228 -0.57 6.24 -12.86
C LEU A 228 0.31 6.47 -11.60
N LEU A 229 -0.15 5.99 -10.45
CA LEU A 229 0.65 6.08 -9.23
C LEU A 229 1.97 5.34 -9.37
N THR A 230 1.96 4.25 -10.11
CA THR A 230 3.18 3.49 -10.35
C THR A 230 4.19 4.33 -11.18
N LEU A 231 3.68 5.02 -12.20
CA LEU A 231 4.48 6.03 -12.93
C LEU A 231 5.09 7.06 -11.97
N VAL A 232 4.31 7.54 -11.02
CA VAL A 232 4.80 8.52 -10.02
C VAL A 232 5.92 7.87 -9.20
N ASN A 233 5.74 6.60 -8.80
CA ASN A 233 6.79 5.87 -8.08
C ASN A 233 8.10 5.94 -8.89
N ARG A 234 8.00 5.62 -10.16
CA ARG A 234 9.20 5.55 -10.98
C ARG A 234 9.85 6.92 -11.16
N LYS A 235 9.04 7.91 -11.48
CA LYS A 235 9.52 9.27 -11.71
C LYS A 235 10.26 9.80 -10.48
N VAL A 236 9.62 9.69 -9.31
CA VAL A 236 10.18 10.21 -8.06
C VAL A 236 11.44 9.44 -7.65
N SER A 237 11.41 8.13 -7.78
CA SER A 237 12.55 7.32 -7.34
C SER A 237 13.75 7.53 -8.24
N GLN A 238 13.54 8.12 -9.43
CA GLN A 238 14.63 8.39 -10.36
C GLN A 238 15.20 9.83 -10.26
N ARG A 239 14.55 10.69 -9.49
CA ARG A 239 15.03 12.05 -9.28
C ARG A 239 16.33 12.09 -8.46
N ARG A 240 17.19 13.03 -8.83
CA ARG A 240 18.44 13.35 -8.14
C ARG A 240 18.49 14.85 -7.81
N VAL A 241 18.91 15.14 -6.59
CA VAL A 241 19.35 16.48 -6.17
C VAL A 241 20.87 16.58 -6.51
N ASP A 242 21.43 17.75 -6.33
CA ASP A 242 22.25 18.62 -7.17
C ASP A 242 23.54 18.25 -7.81
N PHE A 243 24.53 17.56 -7.22
CA PHE A 243 25.11 17.29 -5.94
C PHE A 243 25.92 18.52 -5.48
N CYS A 244 26.10 19.45 -6.37
CA CYS A 244 26.71 20.67 -5.99
C CYS A 244 25.99 21.55 -4.98
N LYS A 245 24.66 21.66 -5.05
CA LYS A 245 23.81 22.39 -4.06
C LYS A 245 23.47 21.87 -2.63
N ASP A 246 23.07 20.62 -2.52
CA ASP A 246 23.31 19.90 -1.32
C ASP A 246 23.66 18.47 -1.41
N PRO A 247 24.96 18.43 -1.08
CA PRO A 247 25.85 17.34 -0.86
C PRO A 247 25.52 16.53 0.27
N SER A 248 24.97 17.04 1.36
CA SER A 248 24.56 15.98 2.16
C SER A 248 23.16 15.56 1.59
N ALA A 249 22.48 16.25 0.60
CA ALA A 249 21.24 15.58 0.25
C ALA A 249 21.60 14.34 -0.53
N ILE A 250 22.89 14.22 -0.70
CA ILE A 250 23.43 13.14 -1.48
C ILE A 250 23.17 11.82 -0.86
N GLY A 251 22.52 11.08 -1.67
CA GLY A 251 22.16 9.75 -1.24
C GLY A 251 20.81 9.62 -0.56
N LYS A 252 20.08 10.71 -0.39
CA LYS A 252 18.79 10.61 0.28
C LYS A 252 17.66 10.38 -0.73
N LYS A 253 17.51 9.13 -1.15
CA LYS A 253 16.55 8.74 -2.19
C LYS A 253 15.12 8.80 -1.67
N GLN A 254 14.19 9.07 -2.58
CA GLN A 254 12.78 9.13 -2.29
C GLN A 254 12.00 8.02 -3.02
N VAL A 255 11.32 7.17 -2.25
CA VAL A 255 10.52 6.13 -2.87
C VAL A 255 9.12 6.27 -2.31
N PRO A 256 8.16 6.70 -3.16
CA PRO A 256 6.79 6.82 -2.66
C PRO A 256 6.19 5.44 -2.56
N CYS A 257 4.98 5.33 -2.01
CA CYS A 257 4.25 4.10 -2.17
C CYS A 257 2.77 4.35 -2.02
N PHE A 258 1.97 3.34 -2.37
CA PHE A 258 0.55 3.49 -2.15
C PHE A 258 0.06 2.17 -1.59
N ALA A 259 -0.91 2.23 -0.65
CA ALA A 259 -1.46 1.02 -0.07
C ALA A 259 -2.87 0.92 -0.59
N SER A 260 -3.16 -0.10 -1.37
CA SER A 260 -4.48 -0.17 -2.01
C SER A 260 -5.38 -1.20 -1.36
N MET A 261 -6.58 -0.74 -0.97
CA MET A 261 -7.67 -1.63 -0.60
CA MET A 261 -7.65 -1.68 -0.63
C MET A 261 -8.81 -1.51 -1.62
N LEU A 262 -8.48 -1.00 -2.81
CA LEU A 262 -9.45 -0.93 -3.91
C LEU A 262 -9.82 -2.35 -4.33
N THR A 263 -11.02 -2.50 -4.90
CA THR A 263 -11.57 -3.77 -5.33
C THR A 263 -11.88 -3.80 -6.83
N LYS A 264 -11.71 -2.66 -7.52
CA LYS A 264 -11.99 -2.59 -8.95
C LYS A 264 -11.00 -1.65 -9.62
N LYS A 265 -10.98 -1.66 -10.95
CA LYS A 265 -10.16 -0.70 -11.72
C LYS A 265 -10.78 0.67 -11.60
N LEU A 266 -9.92 1.68 -11.47
CA LEU A 266 -10.35 3.06 -11.31
C LEU A 266 -9.84 3.92 -12.49
N HIS A 267 -10.75 4.46 -13.29
CA HIS A 267 -10.38 5.40 -14.36
C HIS A 267 -11.06 6.76 -14.17
N PHE A 268 -10.45 7.81 -14.72
CA PHE A 268 -11.10 9.11 -14.72
C PHE A 268 -11.33 9.59 -16.14
N PHE A 269 -12.02 8.77 -16.94
CA PHE A 269 -12.40 9.19 -18.29
C PHE A 269 -13.25 10.45 -18.14
N PRO A 270 -13.13 11.39 -19.09
CA PRO A 270 -13.90 12.63 -19.09
C PRO A 270 -15.38 12.31 -18.97
N LYS A 271 -16.08 13.02 -18.10
CA LYS A 271 -17.50 12.73 -17.87
C LYS A 271 -18.34 13.26 -19.02
N SER A 272 -19.19 12.39 -19.56
CA SER A 272 -20.00 12.68 -20.72
C SER A 272 -20.87 13.96 -20.63
N MET B 10 12.82 7.82 -24.13
CA MET B 10 11.86 8.84 -23.71
C MET B 10 11.00 8.17 -22.65
N PHE B 11 10.07 8.93 -22.06
CA PHE B 11 9.23 8.38 -20.97
C PHE B 11 8.07 7.49 -21.50
N ASP B 12 7.99 6.25 -21.02
CA ASP B 12 6.94 5.33 -21.47
C ASP B 12 5.90 5.07 -20.36
N PRO B 13 4.66 5.61 -20.55
CA PRO B 13 3.55 5.54 -19.60
C PRO B 13 3.07 4.10 -19.37
N ALA B 14 3.52 3.17 -20.19
CA ALA B 14 3.08 1.79 -20.10
C ALA B 14 4.27 0.80 -19.99
N GLU B 15 5.41 1.29 -19.51
CA GLU B 15 6.61 0.47 -19.42
C GLU B 15 6.42 -0.74 -18.52
N LYS B 16 7.02 -1.85 -18.92
CA LYS B 16 6.90 -3.09 -18.19
C LYS B 16 8.26 -3.55 -17.73
N TYR B 17 8.31 -4.18 -16.58
CA TYR B 17 9.50 -4.87 -16.13
C TYR B 17 9.90 -5.89 -17.19
N LYS B 18 11.19 -5.96 -17.49
CA LYS B 18 11.69 -6.95 -18.45
C LYS B 18 11.65 -8.35 -17.82
N MET B 19 10.75 -9.19 -18.33
CA MET B 19 10.55 -10.52 -17.78
C MET B 19 11.04 -11.54 -18.80
N ASP B 20 12.23 -11.23 -19.33
CA ASP B 20 12.84 -11.85 -20.50
C ASP B 20 13.94 -12.84 -20.17
N HIS B 21 14.28 -12.95 -18.89
CA HIS B 21 15.47 -13.69 -18.47
C HIS B 21 15.33 -15.20 -18.64
N ARG B 22 16.45 -15.93 -18.53
CA ARG B 22 16.43 -17.37 -18.68
C ARG B 22 15.46 -18.07 -17.72
N ARG B 23 15.38 -17.57 -16.49
CA ARG B 23 14.52 -18.14 -15.47
C ARG B 23 13.53 -17.09 -14.94
N ARG B 24 12.35 -17.54 -14.50
CA ARG B 24 11.44 -16.63 -13.81
C ARG B 24 12.05 -16.15 -12.50
N GLY B 25 12.61 -17.08 -11.74
CA GLY B 25 13.19 -16.73 -10.45
C GLY B 25 12.73 -17.68 -9.34
N ILE B 26 13.19 -17.39 -8.13
CA ILE B 26 12.88 -18.22 -6.99
C ILE B 26 11.64 -17.73 -6.26
N ALA B 27 10.79 -18.68 -5.84
CA ALA B 27 9.69 -18.38 -4.90
C ALA B 27 9.91 -19.19 -3.63
N LEU B 28 10.24 -18.49 -2.56
CA LEU B 28 10.44 -19.06 -1.25
C LEU B 28 9.14 -19.09 -0.48
N ILE B 29 8.79 -20.21 0.13
CA ILE B 29 7.62 -20.24 0.98
C ILE B 29 8.01 -20.73 2.39
N PHE B 30 7.81 -19.88 3.39
CA PHE B 30 8.04 -20.27 4.77
C PHE B 30 6.69 -20.57 5.43
N ASN B 31 6.47 -21.85 5.70
CA ASN B 31 5.20 -22.39 6.19
C ASN B 31 5.31 -22.81 7.67
N HIS B 32 4.49 -22.21 8.54
CA HIS B 32 4.53 -22.46 9.97
C HIS B 32 3.17 -22.96 10.46
N GLU B 33 3.15 -24.21 10.92
CA GLU B 33 1.90 -24.84 11.34
C GLU B 33 1.81 -24.94 12.87
N ARG B 34 2.96 -25.05 13.54
CA ARG B 34 3.07 -25.27 14.98
C ARG B 34 4.20 -24.43 15.56
N PHE B 35 4.11 -24.09 16.84
CA PHE B 35 5.14 -23.24 17.45
C PHE B 35 5.61 -23.82 18.79
N PHE B 36 6.85 -23.53 19.15
CA PHE B 36 7.44 -23.95 20.45
C PHE B 36 6.50 -23.61 21.60
N TRP B 37 6.27 -24.54 22.52
CA TRP B 37 5.24 -24.37 23.54
C TRP B 37 5.37 -23.05 24.33
N HIS B 38 6.61 -22.61 24.54
CA HIS B 38 6.87 -21.41 25.32
C HIS B 38 6.33 -20.09 24.67
N LEU B 39 6.04 -20.13 23.37
CA LEU B 39 5.46 -18.99 22.68
C LEU B 39 3.96 -18.92 22.91
N THR B 40 3.38 -20.01 23.40
CA THR B 40 1.93 -20.14 23.59
C THR B 40 1.10 -19.61 22.39
N LEU B 41 1.37 -20.17 21.21
CA LEU B 41 0.65 -19.83 19.97
C LEU B 41 -0.12 -21.06 19.47
N PRO B 42 -1.33 -20.83 18.98
CA PRO B 42 -2.16 -21.96 18.50
C PRO B 42 -1.65 -22.49 17.17
N GLU B 43 -1.85 -23.76 16.90
CA GLU B 43 -1.54 -24.36 15.58
C GLU B 43 -2.33 -23.74 14.46
N ARG B 44 -1.81 -23.89 13.25
CA ARG B 44 -2.43 -23.30 12.07
C ARG B 44 -2.87 -24.38 11.09
N ARG B 45 -3.82 -25.20 11.50
CA ARG B 45 -4.40 -26.21 10.62
C ARG B 45 -4.96 -25.55 9.36
N GLY B 46 -4.70 -26.17 8.21
CA GLY B 46 -5.11 -25.58 6.95
C GLY B 46 -3.97 -24.92 6.19
N THR B 47 -2.87 -24.65 6.88
CA THR B 47 -1.73 -23.96 6.24
C THR B 47 -1.00 -24.86 5.22
N CYS B 48 -1.08 -26.18 5.40
CA CYS B 48 -0.50 -27.12 4.44
C CYS B 48 -1.21 -27.10 3.09
N ALA B 49 -2.53 -26.88 3.15
CA ALA B 49 -3.28 -26.68 1.92
C ALA B 49 -2.81 -25.38 1.24
N ASP B 50 -2.60 -24.34 2.03
CA ASP B 50 -2.09 -23.07 1.50
C ASP B 50 -0.74 -23.27 0.80
N ARG B 51 0.19 -23.93 1.49
CA ARG B 51 1.51 -24.23 0.96
C ARG B 51 1.39 -24.96 -0.37
N ASP B 52 0.56 -26.01 -0.44
CA ASP B 52 0.42 -26.79 -1.65
C ASP B 52 -0.20 -26.00 -2.81
N ASN B 53 -1.23 -25.25 -2.48
CA ASN B 53 -1.93 -24.41 -3.44
C ASN B 53 -0.93 -23.40 -4.06
N LEU B 54 -0.18 -22.69 -3.20
CA LEU B 54 0.80 -21.71 -3.63
C LEU B 54 1.91 -22.33 -4.49
N THR B 55 2.38 -23.50 -4.07
CA THR B 55 3.43 -24.18 -4.81
C THR B 55 3.00 -24.45 -6.25
N ARG B 56 1.78 -24.96 -6.44
CA ARG B 56 1.29 -25.25 -7.80
C ARG B 56 1.15 -23.99 -8.63
N ARG B 57 0.56 -22.93 -8.04
CA ARG B 57 0.33 -21.70 -8.79
C ARG B 57 1.65 -21.07 -9.22
N PHE B 58 2.60 -20.94 -8.29
CA PHE B 58 3.86 -20.27 -8.60
C PHE B 58 4.70 -21.10 -9.54
N SER B 59 4.65 -22.41 -9.34
CA SER B 59 5.34 -23.31 -10.25
C SER B 59 4.80 -23.20 -11.69
N ASP B 60 3.47 -23.16 -11.85
CA ASP B 60 2.87 -23.00 -13.18
C ASP B 60 3.21 -21.63 -13.81
N LEU B 61 3.60 -20.68 -12.99
CA LEU B 61 4.04 -19.39 -13.48
C LEU B 61 5.54 -19.36 -13.80
N GLY B 62 6.25 -20.50 -13.63
CA GLY B 62 7.65 -20.58 -14.01
C GLY B 62 8.63 -20.46 -12.85
N PHE B 63 8.11 -20.25 -11.65
CA PHE B 63 8.96 -20.08 -10.48
C PHE B 63 9.60 -21.38 -10.00
N GLU B 64 10.85 -21.28 -9.53
CA GLU B 64 11.48 -22.37 -8.82
C GLU B 64 11.03 -22.26 -7.36
N VAL B 65 10.11 -23.13 -6.96
CA VAL B 65 9.51 -22.97 -5.62
C VAL B 65 10.30 -23.74 -4.58
N LYS B 66 10.61 -23.12 -3.46
CA LYS B 66 11.28 -23.82 -2.37
C LYS B 66 10.50 -23.59 -1.08
N CYS B 67 9.97 -24.68 -0.50
CA CYS B 67 9.19 -24.60 0.72
C CYS B 67 10.03 -25.05 1.91
N PHE B 68 9.81 -24.40 3.05
CA PHE B 68 10.43 -24.77 4.30
C PHE B 68 9.40 -24.74 5.43
N ASN B 69 9.23 -25.87 6.11
CA ASN B 69 8.23 -26.01 7.15
C ASN B 69 8.83 -25.87 8.54
N ASP B 70 8.27 -24.96 9.34
CA ASP B 70 8.57 -24.82 10.77
C ASP B 70 10.04 -24.62 11.09
N LEU B 71 10.72 -23.80 10.29
CA LEU B 71 12.11 -23.50 10.61
C LEU B 71 12.17 -22.66 11.90
N LYS B 72 13.19 -22.91 12.73
CA LYS B 72 13.54 -22.00 13.81
C LYS B 72 14.06 -20.69 13.18
N ALA B 73 14.14 -19.63 13.99
CA ALA B 73 14.49 -18.29 13.48
C ALA B 73 15.88 -18.25 12.86
N GLU B 74 16.86 -18.84 13.54
CA GLU B 74 18.22 -18.87 13.00
C GLU B 74 18.24 -19.61 11.67
N GLU B 75 17.50 -20.72 11.55
CA GLU B 75 17.53 -21.52 10.31
C GLU B 75 16.90 -20.69 9.18
N LEU B 76 15.80 -20.02 9.51
CA LEU B 76 15.06 -19.22 8.54
C LEU B 76 15.95 -18.06 8.01
N LEU B 77 16.52 -17.30 8.95
CA LEU B 77 17.46 -16.23 8.62
C LEU B 77 18.59 -16.76 7.74
N LEU B 78 19.20 -17.87 8.13
CA LEU B 78 20.28 -18.48 7.37
C LEU B 78 19.86 -18.78 5.93
N LYS B 79 18.66 -19.35 5.78
CA LYS B 79 18.17 -19.77 4.48
C LYS B 79 17.87 -18.57 3.60
N ILE B 80 17.24 -17.56 4.17
CA ILE B 80 16.91 -16.42 3.33
C ILE B 80 18.18 -15.59 3.00
N HIS B 81 19.14 -15.56 3.91
CA HIS B 81 20.41 -14.89 3.62
C HIS B 81 21.15 -15.60 2.47
N GLU B 82 21.17 -16.92 2.53
CA GLU B 82 21.77 -17.74 1.49
C GLU B 82 21.12 -17.41 0.13
N VAL B 83 19.82 -17.25 0.12
CA VAL B 83 19.15 -16.95 -1.14
C VAL B 83 19.50 -15.53 -1.63
N SER B 84 19.63 -14.60 -0.69
CA SER B 84 19.88 -13.23 -1.05
C SER B 84 21.29 -13.04 -1.59
N THR B 85 22.19 -13.97 -1.32
CA THR B 85 23.58 -13.79 -1.69
C THR B 85 23.97 -14.60 -2.91
N VAL B 86 23.06 -15.39 -3.45
CA VAL B 86 23.36 -16.03 -4.72
C VAL B 86 22.97 -15.07 -5.82
N SER B 87 23.43 -15.34 -7.02
CA SER B 87 23.14 -14.47 -8.15
C SER B 87 21.73 -14.67 -8.68
N HIS B 88 21.01 -13.58 -8.85
CA HIS B 88 19.71 -13.60 -9.51
C HIS B 88 19.85 -12.96 -10.90
N ALA B 89 21.08 -12.93 -11.44
CA ALA B 89 21.35 -12.30 -12.72
C ALA B 89 20.46 -12.83 -13.87
N ASP B 90 20.23 -14.13 -13.88
CA ASP B 90 19.44 -14.77 -14.92
C ASP B 90 17.95 -14.88 -14.58
N ALA B 91 17.50 -14.13 -13.57
CA ALA B 91 16.10 -14.24 -13.12
C ALA B 91 15.29 -12.96 -13.36
N ASP B 92 13.99 -13.12 -13.57
CA ASP B 92 13.08 -11.99 -13.78
C ASP B 92 12.77 -11.26 -12.47
N CYS B 93 12.63 -12.03 -11.40
CA CYS B 93 12.13 -11.45 -10.19
C CYS B 93 12.31 -12.44 -9.05
N PHE B 94 11.77 -12.07 -7.88
CA PHE B 94 11.89 -12.86 -6.66
C PHE B 94 10.62 -12.78 -5.84
N VAL B 95 10.14 -13.92 -5.35
CA VAL B 95 8.90 -13.98 -4.54
C VAL B 95 9.20 -14.65 -3.19
N CYS B 96 8.67 -14.09 -2.11
CA CYS B 96 8.85 -14.69 -0.80
C CYS B 96 7.52 -14.70 -0.06
N VAL B 97 7.07 -15.88 0.35
CA VAL B 97 5.78 -15.99 1.02
C VAL B 97 5.97 -16.44 2.47
N PHE B 98 5.30 -15.75 3.39
CA PHE B 98 5.32 -16.17 4.80
C PHE B 98 3.93 -16.60 5.25
N LEU B 99 3.82 -17.84 5.75
CA LEU B 99 2.59 -18.34 6.32
C LEU B 99 2.81 -18.65 7.79
N SER B 100 2.36 -17.74 8.66
CA SER B 100 2.58 -17.90 10.10
C SER B 100 1.61 -17.02 10.91
N HIS B 101 1.89 -16.85 12.21
CA HIS B 101 1.26 -15.79 12.99
C HIS B 101 2.22 -14.61 13.01
N GLY B 102 1.75 -13.43 13.39
CA GLY B 102 2.63 -12.27 13.45
C GLY B 102 2.15 -11.25 14.44
N GLU B 103 2.95 -10.21 14.67
CA GLU B 103 2.57 -9.15 15.61
C GLU B 103 3.35 -7.90 15.25
N GLY B 104 2.66 -6.78 15.01
CA GLY B 104 3.34 -5.53 14.68
C GLY B 104 4.18 -5.72 13.42
N ASN B 105 5.46 -5.58 13.62
CA ASN B 105 6.53 -5.62 12.69
C ASN B 105 7.09 -7.03 12.46
N HIS B 106 6.55 -7.97 13.19
CA HIS B 106 7.17 -9.29 13.33
C HIS B 106 6.34 -10.42 12.80
N ILE B 107 7.05 -11.42 12.27
CA ILE B 107 6.48 -12.69 11.89
C ILE B 107 7.11 -13.77 12.77
N TYR B 108 6.33 -14.77 13.18
CA TYR B 108 6.87 -15.83 14.02
C TYR B 108 7.49 -16.95 13.22
N ALA B 109 8.72 -17.28 13.57
CA ALA B 109 9.28 -18.57 13.18
C ALA B 109 8.84 -19.59 14.24
N TYR B 110 9.42 -20.78 14.22
CA TYR B 110 9.00 -21.81 15.18
C TYR B 110 9.22 -21.40 16.64
N ASP B 111 10.36 -20.75 16.92
CA ASP B 111 10.80 -20.53 18.28
C ASP B 111 10.91 -19.03 18.65
N ALA B 112 10.81 -18.15 17.66
CA ALA B 112 11.02 -16.74 17.95
C ALA B 112 10.52 -15.87 16.82
N LYS B 113 10.47 -14.58 17.06
CA LYS B 113 9.98 -13.74 16.00
C LYS B 113 11.09 -13.06 15.25
N ILE B 114 10.78 -12.65 14.03
CA ILE B 114 11.71 -12.04 13.12
C ILE B 114 11.08 -10.77 12.57
N GLU B 115 11.86 -9.72 12.47
CA GLU B 115 11.37 -8.47 11.87
C GLU B 115 11.30 -8.57 10.37
N ILE B 116 10.15 -8.16 9.83
CA ILE B 116 9.94 -8.12 8.41
C ILE B 116 10.99 -7.26 7.70
N GLN B 117 11.34 -6.11 8.27
CA GLN B 117 12.35 -5.25 7.66
C GLN B 117 13.70 -5.96 7.54
N THR B 118 14.03 -6.84 8.48
CA THR B 118 15.27 -7.59 8.35
C THR B 118 15.20 -8.48 7.11
N LEU B 119 14.04 -9.08 6.89
CA LEU B 119 13.84 -10.02 5.79
C LEU B 119 13.86 -9.29 4.45
N THR B 120 13.13 -8.17 4.36
CA THR B 120 13.11 -7.42 3.09
C THR B 120 14.44 -6.71 2.84
N GLY B 121 15.10 -6.23 3.90
CA GLY B 121 16.35 -5.52 3.75
C GLY B 121 17.44 -6.35 3.04
N LEU B 122 17.32 -7.66 3.12
CA LEU B 122 18.33 -8.54 2.51
C LEU B 122 18.32 -8.46 0.99
N PHE B 123 17.23 -7.94 0.43
CA PHE B 123 17.04 -7.90 -1.02
C PHE B 123 17.04 -6.48 -1.56
N LYS B 124 17.40 -5.53 -0.69
CA LYS B 124 17.52 -4.15 -1.12
C LYS B 124 18.75 -4.03 -2.00
N GLY B 125 18.76 -3.00 -2.84
CA GLY B 125 19.77 -2.85 -3.87
C GLY B 125 21.19 -3.02 -3.43
N ASP B 126 21.60 -2.36 -2.35
CA ASP B 126 23.00 -2.49 -1.89
C ASP B 126 23.36 -3.91 -1.47
N LYS B 127 22.43 -4.64 -0.88
CA LYS B 127 22.66 -6.02 -0.44
C LYS B 127 22.52 -7.11 -1.51
N CYS B 128 21.73 -6.82 -2.54
CA CYS B 128 21.44 -7.82 -3.58
C CYS B 128 21.45 -7.20 -4.99
N HIS B 129 22.65 -6.98 -5.52
CA HIS B 129 22.82 -6.26 -6.78
C HIS B 129 22.02 -6.89 -7.89
N SER B 130 21.96 -8.21 -7.92
CA SER B 130 21.36 -8.90 -9.06
C SER B 130 19.84 -8.82 -9.09
N LEU B 131 19.23 -8.22 -8.07
CA LEU B 131 17.81 -8.01 -8.05
C LEU B 131 17.45 -6.53 -8.24
N VAL B 132 18.46 -5.68 -8.36
CA VAL B 132 18.18 -4.24 -8.55
C VAL B 132 17.31 -4.00 -9.78
N GLY B 133 16.22 -3.26 -9.58
CA GLY B 133 15.37 -2.93 -10.70
C GLY B 133 14.40 -4.04 -11.05
N LYS B 134 14.40 -5.13 -10.27
CA LYS B 134 13.49 -6.27 -10.49
C LYS B 134 12.44 -6.39 -9.36
N PRO B 135 11.23 -6.86 -9.70
CA PRO B 135 10.15 -6.99 -8.72
C PRO B 135 10.57 -7.94 -7.61
N LYS B 136 10.41 -7.51 -6.38
CA LYS B 136 10.65 -8.32 -5.20
C LYS B 136 9.34 -8.34 -4.43
N ILE B 137 8.69 -9.49 -4.41
CA ILE B 137 7.30 -9.58 -3.98
C ILE B 137 7.19 -10.43 -2.71
N PHE B 138 6.73 -9.80 -1.62
CA PHE B 138 6.50 -10.50 -0.38
C PHE B 138 4.98 -10.64 -0.17
N ILE B 139 4.57 -11.89 0.09
CA ILE B 139 3.17 -12.22 0.37
C ILE B 139 3.10 -12.70 1.81
N ILE B 140 2.32 -11.99 2.64
CA ILE B 140 2.28 -12.25 4.08
C ILE B 140 0.88 -12.62 4.58
N GLN B 141 0.75 -13.90 4.98
CA GLN B 141 -0.46 -14.40 5.66
C GLN B 141 -0.06 -14.59 7.10
N ALA B 142 -0.34 -13.58 7.92
CA ALA B 142 0.12 -13.59 9.29
C ALA B 142 -0.75 -12.63 10.12
N ALA B 143 -1.37 -13.15 11.18
CA ALA B 143 -2.20 -12.31 12.01
C ALA B 143 -2.04 -12.75 13.45
N ARG B 144 -2.99 -12.37 14.31
CA ARG B 144 -2.80 -12.64 15.72
C ARG B 144 -3.27 -14.02 16.12
N GLY B 145 -2.35 -14.84 16.62
CA GLY B 145 -2.72 -16.15 17.12
C GLY B 145 -3.59 -16.03 18.39
N ASN B 146 -4.82 -16.52 18.30
CA ASN B 146 -5.74 -16.64 19.41
C ASN B 146 -5.19 -17.38 20.60
N GLN B 147 -4.95 -16.71 21.69
CA GLN B 147 -4.43 -17.38 22.88
C GLN B 147 -5.56 -17.65 23.88
N THR B 167 -12.95 -32.36 9.12
CA THR B 167 -14.03 -31.39 9.21
C THR B 167 -13.52 -29.92 9.18
N ASN B 168 -14.11 -29.17 8.26
CA ASN B 168 -13.69 -27.83 7.93
C ASN B 168 -14.21 -26.79 8.92
N ILE B 169 -13.33 -26.33 9.80
CA ILE B 169 -13.65 -25.27 10.75
C ILE B 169 -12.98 -23.98 10.25
N THR B 170 -13.65 -22.83 10.42
CA THR B 170 -13.05 -21.55 10.07
C THR B 170 -12.54 -20.82 11.31
N GLU B 171 -11.22 -20.65 11.39
CA GLU B 171 -10.56 -19.88 12.46
C GLU B 171 -10.45 -18.40 12.10
N VAL B 172 -10.74 -17.53 13.06
CA VAL B 172 -10.77 -16.10 12.81
C VAL B 172 -9.79 -15.39 13.75
N ASP B 173 -8.78 -14.74 13.18
CA ASP B 173 -7.73 -14.06 13.92
C ASP B 173 -7.78 -12.54 13.66
N ALA B 174 -7.59 -11.72 14.68
CA ALA B 174 -7.53 -10.27 14.48
C ALA B 174 -6.27 -9.86 13.68
N ALA B 175 -6.39 -8.88 12.79
CA ALA B 175 -5.22 -8.34 12.09
C ALA B 175 -4.20 -7.84 13.14
N SER B 176 -2.90 -8.10 12.95
CA SER B 176 -1.89 -7.66 13.93
C SER B 176 -0.61 -7.10 13.27
N VAL B 177 -0.36 -7.51 12.05
CA VAL B 177 0.89 -7.15 11.34
C VAL B 177 0.71 -5.86 10.57
N TYR B 178 1.61 -4.90 10.83
CA TYR B 178 1.64 -3.61 10.13
C TYR B 178 1.76 -3.81 8.63
N THR B 179 0.98 -3.08 7.84
CA THR B 179 1.07 -3.23 6.39
C THR B 179 2.30 -2.43 5.86
N LEU B 180 3.51 -2.94 6.10
CA LEU B 180 4.76 -2.21 5.82
C LEU B 180 5.06 -2.12 4.32
N PRO B 181 5.63 -1.01 3.89
CA PRO B 181 6.22 -0.81 2.57
C PRO B 181 7.68 -1.36 2.61
N ALA B 182 8.43 -1.45 1.53
CA ALA B 182 9.73 -2.14 1.58
C ALA B 182 11.00 -1.58 0.90
N GLY B 183 10.91 -0.57 0.07
CA GLY B 183 11.94 -0.21 -0.92
C GLY B 183 11.56 -0.21 -2.41
N ALA B 184 12.31 0.48 -3.30
CA ALA B 184 11.90 0.48 -4.73
C ALA B 184 11.77 -0.93 -5.31
N ASP B 185 10.72 -1.13 -6.11
CA ASP B 185 10.46 -2.36 -6.83
C ASP B 185 10.07 -3.50 -5.89
N PHE B 186 9.77 -3.18 -4.62
CA PHE B 186 9.14 -4.16 -3.73
C PHE B 186 7.62 -4.03 -3.84
N LEU B 187 6.94 -5.17 -3.71
CA LEU B 187 5.49 -5.18 -3.57
C LEU B 187 5.19 -6.01 -2.35
N MET B 188 4.56 -5.41 -1.33
CA MET B 188 4.24 -6.09 -0.06
C MET B 188 2.74 -6.42 -0.04
N CYS B 189 2.38 -7.70 0.02
CA CYS B 189 0.99 -8.13 -0.10
C CYS B 189 0.52 -8.75 1.23
N TYR B 190 -0.56 -8.19 1.80
CA TYR B 190 -1.03 -8.62 3.14
C TYR B 190 -2.42 -9.20 3.09
N SER B 191 -2.62 -10.29 3.84
CA SER B 191 -3.90 -10.99 3.89
C SER B 191 -4.97 -10.15 4.52
N VAL B 192 -4.58 -9.17 5.35
CA VAL B 192 -5.60 -8.43 6.10
C VAL B 192 -5.02 -7.11 6.57
N ALA B 193 -5.89 -6.10 6.64
CA ALA B 193 -5.49 -4.78 7.13
C ALA B 193 -6.02 -4.56 8.54
N GLU B 194 -5.39 -3.60 9.22
CA GLU B 194 -5.74 -3.19 10.57
C GLU B 194 -7.25 -3.01 10.67
N GLY B 195 -7.83 -3.53 11.73
CA GLY B 195 -9.26 -3.36 11.97
C GLY B 195 -10.08 -4.52 11.43
N TYR B 196 -9.48 -5.39 10.62
CA TYR B 196 -10.23 -6.51 10.03
C TYR B 196 -9.71 -7.85 10.58
N TYR B 197 -10.20 -8.96 10.04
CA TYR B 197 -9.88 -10.27 10.59
C TYR B 197 -9.53 -11.24 9.48
N SER B 198 -8.49 -12.04 9.74
CA SER B 198 -8.03 -13.06 8.82
C SER B 198 -8.74 -14.38 9.12
N HIS B 199 -9.11 -15.11 8.07
CA HIS B 199 -9.84 -16.36 8.25
C HIS B 199 -9.08 -17.49 7.63
N ARG B 200 -9.12 -18.64 8.29
CA ARG B 200 -8.49 -19.85 7.78
C ARG B 200 -9.33 -21.07 7.98
N GLU B 201 -9.63 -21.76 6.89
CA GLU B 201 -10.37 -23.00 6.97
C GLU B 201 -9.42 -24.18 7.20
N THR B 202 -9.75 -25.02 8.17
CA THR B 202 -8.82 -26.09 8.53
C THR B 202 -8.58 -27.10 7.39
N VAL B 203 -9.56 -27.26 6.50
CA VAL B 203 -9.40 -28.15 5.35
C VAL B 203 -9.02 -27.36 4.09
N ASN B 204 -9.78 -26.31 3.78
CA ASN B 204 -9.58 -25.57 2.53
C ASN B 204 -8.46 -24.54 2.54
N GLY B 205 -7.99 -24.12 3.71
CA GLY B 205 -6.93 -23.12 3.77
C GLY B 205 -7.42 -21.70 4.04
N SER B 206 -6.51 -20.73 3.97
CA SER B 206 -6.85 -19.34 4.28
C SER B 206 -7.71 -18.73 3.20
N TRP B 207 -8.63 -17.87 3.61
CA TRP B 207 -9.45 -17.16 2.62
C TRP B 207 -8.56 -16.41 1.62
N TYR B 208 -7.58 -15.66 2.12
CA TYR B 208 -6.73 -14.83 1.29
C TYR B 208 -5.94 -15.69 0.32
N ILE B 209 -5.30 -16.73 0.84
CA ILE B 209 -4.48 -17.57 -0.01
C ILE B 209 -5.35 -18.32 -1.05
N GLN B 210 -6.54 -18.77 -0.63
CA GLN B 210 -7.43 -19.48 -1.55
C GLN B 210 -7.79 -18.57 -2.73
N ASP B 211 -8.20 -17.35 -2.41
CA ASP B 211 -8.60 -16.40 -3.45
C ASP B 211 -7.42 -15.96 -4.34
N LEU B 212 -6.25 -15.76 -3.73
CA LEU B 212 -5.01 -15.43 -4.44
C LEU B 212 -4.66 -16.53 -5.43
N CYS B 213 -4.65 -17.78 -4.96
CA CYS B 213 -4.33 -18.92 -5.82
C CYS B 213 -5.36 -19.07 -6.92
N GLU B 214 -6.63 -18.81 -6.58
CA GLU B 214 -7.67 -18.94 -7.59
C GLU B 214 -7.42 -17.97 -8.72
N MET B 215 -7.15 -16.71 -8.37
CA MET B 215 -6.84 -15.70 -9.36
C MET B 215 -5.54 -16.00 -10.12
N LEU B 216 -4.51 -16.48 -9.41
CA LEU B 216 -3.25 -16.85 -10.06
C LEU B 216 -3.51 -17.89 -11.16
N GLY B 217 -4.30 -18.91 -10.83
CA GLY B 217 -4.62 -19.98 -11.75
C GLY B 217 -5.36 -19.51 -12.97
N LYS B 218 -6.30 -18.59 -12.81
CA LYS B 218 -7.12 -18.20 -13.94
C LYS B 218 -6.48 -17.08 -14.75
N TYR B 219 -5.85 -16.13 -14.06
CA TYR B 219 -5.44 -14.86 -14.68
C TYR B 219 -3.95 -14.49 -14.46
N GLY B 220 -3.24 -15.30 -13.69
CA GLY B 220 -1.85 -15.00 -13.37
C GLY B 220 -0.96 -14.78 -14.60
N SER B 221 -1.22 -15.53 -15.66
CA SER B 221 -0.34 -15.54 -16.80
C SER B 221 -0.69 -14.47 -17.83
N SER B 222 -1.68 -13.63 -17.53
CA SER B 222 -2.09 -12.60 -18.49
C SER B 222 -2.32 -11.23 -17.86
N LEU B 223 -2.90 -11.21 -16.68
CA LEU B 223 -3.26 -9.97 -16.02
C LEU B 223 -2.07 -9.27 -15.35
N GLU B 224 -2.05 -7.94 -15.40
CA GLU B 224 -1.03 -7.21 -14.65
C GLU B 224 -1.19 -7.56 -13.18
N PHE B 225 -0.09 -7.88 -12.52
CA PHE B 225 -0.18 -8.50 -11.18
C PHE B 225 -0.86 -7.66 -10.09
N THR B 226 -0.70 -6.33 -10.11
CA THR B 226 -1.41 -5.51 -9.11
C THR B 226 -2.93 -5.45 -9.41
N GLU B 227 -3.28 -5.54 -10.68
CA GLU B 227 -4.70 -5.66 -11.07
C GLU B 227 -5.26 -7.02 -10.57
N LEU B 228 -4.45 -8.06 -10.64
CA LEU B 228 -4.83 -9.35 -10.10
C LEU B 228 -5.00 -9.25 -8.56
N LEU B 229 -4.05 -8.61 -7.88
CA LEU B 229 -4.16 -8.42 -6.42
C LEU B 229 -5.44 -7.64 -6.03
N THR B 230 -5.85 -6.74 -6.91
CA THR B 230 -7.08 -5.97 -6.73
C THR B 230 -8.31 -6.89 -6.78
N LEU B 231 -8.29 -7.82 -7.72
CA LEU B 231 -9.31 -8.88 -7.79
C LEU B 231 -9.37 -9.64 -6.46
N VAL B 232 -8.19 -9.95 -5.92
CA VAL B 232 -8.11 -10.67 -4.67
C VAL B 232 -8.75 -9.83 -3.56
N ASN B 233 -8.45 -8.51 -3.57
CA ASN B 233 -9.10 -7.62 -2.63
C ASN B 233 -10.62 -7.82 -2.73
N ARG B 234 -11.12 -7.80 -3.94
CA ARG B 234 -12.56 -7.83 -4.12
C ARG B 234 -13.14 -9.15 -3.63
N LYS B 235 -12.47 -10.23 -4.02
CA LYS B 235 -12.93 -11.60 -3.72
C LYS B 235 -13.00 -11.79 -2.20
N VAL B 236 -11.92 -11.45 -1.50
CA VAL B 236 -11.85 -11.67 -0.06
C VAL B 236 -12.88 -10.79 0.66
N SER B 237 -12.99 -9.53 0.25
CA SER B 237 -13.86 -8.59 0.99
C SER B 237 -15.34 -8.84 0.79
N GLN B 238 -15.67 -9.61 -0.24
CA GLN B 238 -17.07 -9.96 -0.53
C GLN B 238 -17.43 -11.29 0.14
N ARG B 239 -16.48 -11.96 0.76
CA ARG B 239 -16.84 -13.18 1.47
C ARG B 239 -17.73 -12.79 2.66
N ARG B 240 -18.95 -13.30 2.70
CA ARG B 240 -19.95 -12.91 3.67
C ARG B 240 -19.59 -13.42 5.07
N VAL B 241 -19.88 -12.61 6.10
CA VAL B 241 -19.60 -13.02 7.48
C VAL B 241 -20.89 -12.94 8.27
N ASP B 242 -21.97 -12.85 7.50
CA ASP B 242 -23.32 -12.76 8.01
C ASP B 242 -23.75 -13.96 8.85
N PHE B 243 -23.46 -15.18 8.39
CA PHE B 243 -23.93 -16.41 9.03
C PHE B 243 -22.79 -17.39 9.22
N CYS B 244 -22.10 -17.27 10.35
CA CYS B 244 -20.99 -18.16 10.63
C CYS B 244 -21.45 -19.37 11.44
N LYS B 245 -20.83 -20.53 11.20
CA LYS B 245 -21.08 -21.71 12.03
C LYS B 245 -20.76 -21.40 13.48
N ASP B 246 -19.77 -20.54 13.67
CA ASP B 246 -19.40 -19.97 14.96
C ASP B 246 -20.03 -18.57 15.07
N PRO B 247 -21.07 -18.42 15.90
CA PRO B 247 -21.74 -17.12 16.02
C PRO B 247 -20.79 -16.01 16.45
N SER B 248 -19.69 -16.38 17.12
CA SER B 248 -18.67 -15.41 17.54
C SER B 248 -17.97 -14.73 16.40
N ALA B 249 -17.91 -15.38 15.25
CA ALA B 249 -17.19 -14.81 14.12
C ALA B 249 -18.07 -13.89 13.26
N ILE B 250 -19.35 -13.76 13.59
CA ILE B 250 -20.27 -12.95 12.80
C ILE B 250 -19.83 -11.49 12.74
N GLY B 251 -19.77 -10.93 11.54
CA GLY B 251 -19.44 -9.52 11.37
C GLY B 251 -17.95 -9.23 11.27
N LYS B 252 -17.12 -10.27 11.41
CA LYS B 252 -15.69 -10.09 11.39
C LYS B 252 -15.14 -10.21 9.97
N LYS B 253 -15.28 -9.13 9.21
CA LYS B 253 -14.95 -9.05 7.79
C LYS B 253 -13.44 -9.10 7.55
N GLN B 254 -13.06 -9.61 6.39
CA GLN B 254 -11.68 -9.62 5.99
C GLN B 254 -11.49 -8.70 4.80
N VAL B 255 -10.58 -7.74 4.92
CA VAL B 255 -10.13 -6.94 3.79
C VAL B 255 -8.62 -6.95 3.67
N PRO B 256 -8.10 -7.52 2.59
CA PRO B 256 -6.65 -7.54 2.37
C PRO B 256 -6.15 -6.19 1.87
N CYS B 257 -4.84 -6.10 1.65
CA CYS B 257 -4.24 -4.90 1.07
CA CYS B 257 -4.21 -4.88 1.14
C CYS B 257 -2.87 -5.20 0.50
N PHE B 258 -2.40 -4.35 -0.39
CA PHE B 258 -1.02 -4.46 -0.85
C PHE B 258 -0.41 -3.06 -0.89
N ALA B 259 0.86 -2.97 -0.55
CA ALA B 259 1.59 -1.70 -0.56
C ALA B 259 2.59 -1.75 -1.69
N SER B 260 2.39 -0.94 -2.73
CA SER B 260 3.26 -1.11 -3.88
C SER B 260 4.33 -0.04 -3.95
N MET B 261 5.55 -0.50 -4.07
CA MET B 261 6.62 0.39 -4.50
C MET B 261 7.20 0.01 -5.87
N LEU B 262 6.42 -0.70 -6.67
CA LEU B 262 6.81 -1.01 -8.04
C LEU B 262 6.89 0.27 -8.82
N THR B 263 7.71 0.22 -9.87
CA THR B 263 7.95 1.35 -10.71
C THR B 263 7.50 1.06 -12.14
N LYS B 264 7.08 -0.18 -12.40
CA LYS B 264 6.62 -0.58 -13.76
C LYS B 264 5.45 -1.57 -13.68
N LYS B 265 4.84 -1.80 -14.82
CA LYS B 265 3.81 -2.83 -14.94
C LYS B 265 4.47 -4.19 -14.84
N LEU B 266 3.82 -5.09 -14.11
CA LEU B 266 4.36 -6.42 -13.88
C LEU B 266 3.46 -7.49 -14.48
N HIS B 267 3.96 -8.23 -15.45
CA HIS B 267 3.19 -9.37 -15.98
C HIS B 267 4.00 -10.67 -15.83
N PHE B 268 3.30 -11.81 -15.76
CA PHE B 268 3.93 -13.15 -15.77
C PHE B 268 3.48 -13.95 -17.00
N PHE B 269 3.70 -13.38 -18.18
CA PHE B 269 3.40 -14.04 -19.42
C PHE B 269 4.21 -15.32 -19.49
N PRO B 270 3.64 -16.38 -20.08
CA PRO B 270 4.37 -17.64 -20.21
C PRO B 270 5.74 -17.44 -20.86
N LYS B 271 6.77 -17.99 -20.24
CA LYS B 271 8.14 -17.80 -20.72
C LYS B 271 8.43 -18.68 -21.93
O 2GQ C . 0.61 0.77 12.54
C8 2GQ C . 1.75 0.81 12.08
C3 2GQ C . 2.08 0.69 10.64
C2 2GQ C . 1.08 0.46 9.71
C1 2GQ C . 1.36 0.40 8.35
N 2GQ C . 2.82 1.02 12.91
C7 2GQ C . 4.10 1.14 12.45
C6 2GQ C . 4.46 1.05 11.15
C4 2GQ C . 3.42 0.83 10.19
C5 2GQ C . 3.69 0.77 8.82
C 2GQ C . 2.67 0.57 7.91
N1 2GQ C . 5.02 1.32 13.32
C12 2GQ C . 6.44 1.42 13.03
C11 2GQ C . 7.07 1.48 14.40
C10 2GQ C . 6.09 0.84 15.20
C9 2GQ C . 4.79 1.35 14.72
P PO4 D . 7.09 17.52 4.66
O1 PO4 D . 6.94 17.20 6.15
O2 PO4 D . 8.36 16.96 4.12
O3 PO4 D . 7.07 19.02 4.48
O4 PO4 D . 5.90 16.89 3.95
P PO4 E . -22.55 2.85 -6.93
O1 PO4 E . -22.67 2.89 -5.49
O2 PO4 E . -21.32 3.46 -7.39
O3 PO4 E . -22.58 1.44 -7.28
O4 PO4 E . -23.62 3.67 -7.50
P PO4 F . 15.88 -0.82 -3.65
O1 PO4 F . 16.98 -0.73 -2.66
O2 PO4 F . 15.35 0.54 -3.66
O3 PO4 F . 14.85 -1.84 -3.41
O4 PO4 F . 16.34 -1.20 -4.98
P PO4 G . -16.51 -1.64 6.67
O1 PO4 G . -15.81 -2.33 7.75
O2 PO4 G . -17.21 -0.56 7.37
O3 PO4 G . -17.53 -2.51 6.09
O4 PO4 G . -15.62 -1.22 5.53
P PO4 H . -2.89 -16.41 10.91
O1 PO4 H . -2.15 -15.81 12.10
O2 PO4 H . -2.94 -17.91 11.11
O3 PO4 H . -4.30 -15.89 10.86
O4 PO4 H . -2.13 -16.04 9.61
#